data_4J73
#
_entry.id   4J73
#
_cell.length_a   36.295
_cell.length_b   56.696
_cell.length_c   132.352
_cell.angle_alpha   90.00
_cell.angle_beta   90.00
_cell.angle_gamma   90.00
#
_symmetry.space_group_name_H-M   'P 21 21 21'
#
loop_
_entity.id
_entity.type
_entity.pdbx_description
1 polymer "Coatomer subunit beta'"
2 polymer 'Transmembrane emp24 domain-containing protein 9'
3 water water
#
loop_
_entity_poly.entity_id
_entity_poly.type
_entity_poly.pdbx_seq_one_letter_code
_entity_poly.pdbx_strand_id
1 'polypeptide(L)'
;MKLDIKKTFSNRSDRVKGIDFHPTEPWVLTTLYSGRVEIWNYETQVEVRSIQVTETPVRAGKFIARKNWIIVGSDDFRIR
VFNYNTGEKVVDFEAHPDYIRSIAVHPTKPYVLSGSDDLTVKLWNWENNWALEQTFEGHEHFVMCVAFNPKDPSTFASGC
LDRTVKVWSLGQSTPNFTLTTGQERGVNYVDYYPLPDKPYMITASDDLTIKIWDYQTKSCVATLEGHMSNVSFAVFHPTL
PIIISGSEDGTLKIWNSSTYKVEKTLNVGLERSWCIATHPTGRKNYIASGFDNGFTVLSLG
;
A
2 'polypeptide(L)' FEAKKLV B
#
# COMPACT_ATOMS: atom_id res chain seq x y z
N LYS A 2 21.68 -10.22 -11.28
CA LYS A 2 22.61 -9.60 -10.35
C LYS A 2 22.00 -9.49 -8.96
N LEU A 3 21.16 -10.47 -8.62
CA LEU A 3 20.22 -10.33 -7.52
C LEU A 3 19.99 -11.69 -6.86
N ASP A 4 20.55 -11.90 -5.68
CA ASP A 4 20.41 -13.17 -4.99
C ASP A 4 19.16 -13.15 -4.11
N ILE A 5 18.06 -13.66 -4.65
CA ILE A 5 16.80 -13.70 -3.92
C ILE A 5 16.74 -14.92 -3.02
N LYS A 6 16.63 -14.66 -1.72
CA LYS A 6 16.52 -15.76 -0.76
C LYS A 6 15.24 -15.67 0.00
N LYS A 7 14.76 -16.83 0.41
CA LYS A 7 13.56 -16.90 1.17
C LYS A 7 13.87 -16.66 2.66
N THR A 8 13.15 -15.74 3.31
CA THR A 8 13.36 -15.46 4.75
C THR A 8 12.31 -16.11 5.65
N PHE A 9 11.03 -15.91 5.32
CA PHE A 9 9.92 -16.45 6.12
C PHE A 9 8.66 -16.49 5.25
N SER A 10 8.02 -17.64 5.17
CA SER A 10 6.72 -17.77 4.53
C SER A 10 5.77 -18.31 5.58
N ASN A 11 4.55 -17.77 5.59
CA ASN A 11 3.53 -18.20 6.52
C ASN A 11 2.23 -18.45 5.77
N ARG A 12 1.63 -19.61 5.98
CA ARG A 12 0.33 -19.90 5.39
C ARG A 12 -0.76 -19.31 6.27
N SER A 13 -1.70 -18.62 5.65
CA SER A 13 -2.85 -18.10 6.38
C SER A 13 -3.96 -17.82 5.40
N ASP A 14 -5.00 -17.19 5.93
CA ASP A 14 -6.07 -16.72 5.08
C ASP A 14 -5.50 -15.51 4.34
N ARG A 15 -6.28 -15.08 3.38
CA ARG A 15 -5.87 -14.07 2.41
C ARG A 15 -5.34 -12.81 3.08
N VAL A 16 -4.16 -12.39 2.65
CA VAL A 16 -3.52 -11.22 3.22
C VAL A 16 -3.73 -10.03 2.31
N LYS A 17 -4.44 -9.02 2.83
CA LYS A 17 -4.83 -7.84 2.04
C LYS A 17 -3.94 -6.63 2.26
N GLY A 18 -3.32 -6.52 3.43
CA GLY A 18 -2.39 -5.43 3.73
C GLY A 18 -1.15 -5.96 4.44
N ILE A 19 -0.04 -5.27 4.27
CA ILE A 19 1.21 -5.71 4.84
C ILE A 19 2.13 -4.51 5.07
N ASP A 20 2.96 -4.56 6.09
CA ASP A 20 3.89 -3.46 6.37
C ASP A 20 5.05 -3.96 7.22
N PHE A 21 6.22 -3.35 7.04
CA PHE A 21 7.39 -3.63 7.89
C PHE A 21 7.50 -2.61 9.04
N HIS A 22 7.82 -3.11 10.22
CA HIS A 22 8.24 -2.23 11.29
C HIS A 22 9.62 -1.65 10.97
N PRO A 23 9.84 -0.37 11.31
CA PRO A 23 11.10 0.26 10.90
C PRO A 23 12.32 -0.13 11.73
N THR A 24 12.15 -0.64 12.94
CA THR A 24 13.29 -0.91 13.82
C THR A 24 13.28 -2.29 14.47
N GLU A 25 12.10 -2.94 14.54
CA GLU A 25 12.00 -4.31 14.99
C GLU A 25 11.84 -5.17 13.74
N PRO A 26 12.25 -6.45 13.82
CA PRO A 26 12.17 -7.33 12.64
C PRO A 26 10.78 -7.94 12.54
N TRP A 27 9.80 -7.06 12.35
CA TRP A 27 8.41 -7.49 12.35
C TRP A 27 7.74 -7.10 11.04
N VAL A 28 6.74 -7.89 10.64
CA VAL A 28 5.76 -7.49 9.64
C VAL A 28 4.36 -7.54 10.23
N LEU A 29 3.52 -6.59 9.84
CA LEU A 29 2.11 -6.60 10.14
C LEU A 29 1.39 -7.13 8.92
N THR A 30 0.45 -8.03 9.13
CA THR A 30 -0.46 -8.46 8.07
C THR A 30 -1.92 -8.20 8.46
N THR A 31 -2.75 -7.77 7.51
CA THR A 31 -4.17 -7.58 7.77
C THR A 31 -4.89 -8.55 6.85
N LEU A 32 -5.81 -9.33 7.41
CA LEU A 32 -6.43 -10.46 6.68
C LEU A 32 -7.86 -10.24 6.27
N TYR A 33 -8.25 -11.00 5.25
CA TYR A 33 -9.62 -10.98 4.74
C TYR A 33 -10.62 -11.41 5.82
N SER A 34 -10.16 -12.24 6.77
CA SER A 34 -11.01 -12.80 7.81
C SER A 34 -11.26 -11.86 8.99
N GLY A 35 -10.65 -10.67 8.97
CA GLY A 35 -10.83 -9.71 10.06
C GLY A 35 -9.75 -9.77 11.13
N ARG A 36 -8.86 -10.74 11.00
CA ARG A 36 -7.74 -10.87 11.90
C ARG A 36 -6.59 -9.99 11.42
N VAL A 37 -5.77 -9.50 12.35
CA VAL A 37 -4.49 -8.90 12.00
C VAL A 37 -3.38 -9.57 12.82
N GLU A 38 -2.19 -9.67 12.24
CA GLU A 38 -1.10 -10.40 12.87
C GLU A 38 0.19 -9.62 12.78
N ILE A 39 0.97 -9.71 13.84
CA ILE A 39 2.34 -9.23 13.81
C ILE A 39 3.25 -10.43 13.98
N TRP A 40 4.19 -10.56 13.05
CA TRP A 40 5.15 -11.67 13.08
C TRP A 40 6.56 -11.13 13.13
N ASN A 41 7.40 -11.76 13.95
CA ASN A 41 8.83 -11.54 13.87
C ASN A 41 9.32 -12.45 12.75
N TYR A 42 9.76 -11.88 11.63
CA TYR A 42 10.15 -12.72 10.50
C TYR A 42 11.55 -13.30 10.62
N GLU A 43 12.31 -12.80 11.62
CA GLU A 43 13.60 -13.40 11.94
C GLU A 43 13.46 -14.68 12.74
N THR A 44 12.81 -14.62 13.91
CA THR A 44 12.57 -15.80 14.73
C THR A 44 11.40 -16.66 14.20
N GLN A 45 10.61 -16.10 13.30
CA GLN A 45 9.43 -16.79 12.78
C GLN A 45 8.43 -17.12 13.88
N VAL A 46 8.34 -16.21 14.85
CA VAL A 46 7.44 -16.36 15.95
C VAL A 46 6.46 -15.21 15.96
N GLU A 47 5.20 -15.51 16.21
CA GLU A 47 4.14 -14.50 16.23
C GLU A 47 4.35 -13.59 17.42
N VAL A 48 4.18 -12.28 17.23
CA VAL A 48 4.22 -11.38 18.38
C VAL A 48 2.80 -11.03 18.86
N ARG A 49 1.87 -10.89 17.92
CA ARG A 49 0.49 -10.64 18.28
C ARG A 49 -0.42 -11.19 17.19
N SER A 50 -1.60 -11.64 17.59
CA SER A 50 -2.66 -12.01 16.64
C SER A 50 -3.94 -11.50 17.25
N ILE A 51 -4.62 -10.60 16.54
CA ILE A 51 -5.84 -9.97 17.04
C ILE A 51 -7.04 -10.16 16.07
N GLN A 52 -8.19 -10.62 16.57
CA GLN A 52 -9.42 -10.59 15.77
C GLN A 52 -10.06 -9.21 15.91
N VAL A 53 -9.91 -8.41 14.86
CA VAL A 53 -10.30 -7.02 14.92
C VAL A 53 -11.78 -6.81 14.59
N THR A 54 -12.30 -7.58 13.63
CA THR A 54 -13.67 -7.40 13.17
C THR A 54 -14.08 -8.63 12.39
N GLU A 55 -15.33 -8.68 11.96
CA GLU A 55 -15.82 -9.80 11.17
C GLU A 55 -15.58 -9.59 9.67
N THR A 56 -15.17 -8.38 9.29
CA THR A 56 -15.05 -8.00 7.89
C THR A 56 -13.58 -7.99 7.46
N PRO A 57 -13.32 -7.94 6.14
CA PRO A 57 -11.93 -7.74 5.69
C PRO A 57 -11.30 -6.49 6.26
N VAL A 58 -10.03 -6.65 6.60
CA VAL A 58 -9.17 -5.53 6.96
C VAL A 58 -8.15 -5.31 5.82
N ARG A 59 -8.38 -4.29 4.98
CA ARG A 59 -7.55 -4.11 3.77
C ARG A 59 -6.31 -3.29 3.96
N ALA A 60 -6.27 -2.50 5.02
CA ALA A 60 -5.19 -1.54 5.19
C ALA A 60 -4.57 -1.67 6.58
N GLY A 61 -3.25 -1.57 6.66
CA GLY A 61 -2.57 -1.69 7.93
C GLY A 61 -1.18 -1.09 7.85
N LYS A 62 -0.82 -0.28 8.83
CA LYS A 62 0.51 0.31 8.87
C LYS A 62 1.02 0.34 10.31
N PHE A 63 2.32 0.26 10.49
CA PHE A 63 2.91 0.62 11.75
C PHE A 63 2.99 2.13 11.90
N ILE A 64 2.75 2.62 13.12
CA ILE A 64 3.17 3.94 13.59
C ILE A 64 4.08 3.71 14.77
N ALA A 65 5.33 3.42 14.45
CA ALA A 65 6.26 2.89 15.42
C ALA A 65 6.65 3.93 16.43
N ARG A 66 6.54 5.21 16.09
CA ARG A 66 6.91 6.24 17.04
C ARG A 66 5.92 6.35 18.20
N LYS A 67 4.78 5.70 18.04
CA LYS A 67 3.75 5.61 19.11
C LYS A 67 3.54 4.17 19.59
N ASN A 68 4.37 3.23 19.11
CA ASN A 68 4.15 1.80 19.37
C ASN A 68 2.76 1.29 18.94
N TRP A 69 2.32 1.76 17.77
CA TRP A 69 0.99 1.45 17.24
C TRP A 69 1.03 0.64 15.98
N ILE A 70 -0.06 -0.08 15.77
CA ILE A 70 -0.52 -0.41 14.42
C ILE A 70 -1.84 0.29 14.17
N ILE A 71 -2.04 0.75 12.94
CA ILE A 71 -3.31 1.35 12.54
C ILE A 71 -3.89 0.55 11.40
N VAL A 72 -5.18 0.26 11.49
CA VAL A 72 -5.85 -0.58 10.49
C VAL A 72 -7.19 -0.01 10.09
N GLY A 73 -7.57 -0.30 8.85
CA GLY A 73 -8.87 0.11 8.31
C GLY A 73 -9.57 -1.07 7.70
N SER A 74 -10.88 -1.14 7.89
CA SER A 74 -11.66 -2.34 7.55
C SER A 74 -12.95 -2.02 6.79
N ASP A 75 -13.57 -3.07 6.26
CA ASP A 75 -14.78 -2.95 5.46
C ASP A 75 -16.01 -2.59 6.30
N ASP A 76 -15.87 -2.63 7.63
CA ASP A 76 -16.92 -2.13 8.52
C ASP A 76 -16.86 -0.61 8.72
N PHE A 77 -16.00 0.03 7.92
CA PHE A 77 -15.91 1.49 7.78
C PHE A 77 -15.06 2.16 8.87
N ARG A 78 -14.40 1.36 9.71
CA ARG A 78 -13.72 1.91 10.88
C ARG A 78 -12.22 1.91 10.79
N ILE A 79 -11.63 2.93 11.38
CA ILE A 79 -10.19 2.96 11.63
C ILE A 79 -9.98 2.55 13.09
N ARG A 80 -9.03 1.65 13.32
CA ARG A 80 -8.70 1.24 14.68
C ARG A 80 -7.19 1.29 14.87
N VAL A 81 -6.77 1.58 16.10
CA VAL A 81 -5.36 1.63 16.43
C VAL A 81 -5.16 0.71 17.63
N PHE A 82 -4.10 -0.09 17.61
CA PHE A 82 -3.76 -0.96 18.73
C PHE A 82 -2.35 -0.66 19.15
N ASN A 83 -2.10 -0.66 20.46
CA ASN A 83 -0.74 -0.56 20.96
C ASN A 83 -0.17 -1.98 20.95
N TYR A 84 0.94 -2.19 20.25
CA TYR A 84 1.41 -3.57 20.11
C TYR A 84 2.17 -4.08 21.33
N ASN A 85 2.58 -3.18 22.24
CA ASN A 85 3.23 -3.56 23.51
C ASN A 85 2.20 -4.00 24.54
N THR A 86 1.05 -3.32 24.61
CA THR A 86 0.01 -3.72 25.56
C THR A 86 -1.03 -4.67 24.93
N GLY A 87 -1.12 -4.68 23.60
CA GLY A 87 -2.09 -5.51 22.91
C GLY A 87 -3.48 -4.90 22.81
N GLU A 88 -3.63 -3.75 23.46
CA GLU A 88 -4.94 -3.11 23.61
C GLU A 88 -5.35 -2.19 22.46
N LYS A 89 -6.64 -2.19 22.14
CA LYS A 89 -7.19 -1.22 21.21
C LYS A 89 -7.27 0.16 21.85
N VAL A 90 -6.69 1.17 21.20
CA VAL A 90 -6.61 2.49 21.81
C VAL A 90 -7.39 3.57 21.05
N VAL A 91 -7.80 3.29 19.80
CA VAL A 91 -8.73 4.19 19.11
C VAL A 91 -9.61 3.37 18.18
N ASP A 92 -10.84 3.83 17.95
CA ASP A 92 -11.79 3.11 17.13
C ASP A 92 -12.87 4.10 16.73
N PHE A 93 -12.92 4.47 15.46
CA PHE A 93 -14.00 5.34 14.99
C PHE A 93 -14.38 5.03 13.58
N GLU A 94 -15.65 5.30 13.23
CA GLU A 94 -16.08 5.25 11.84
C GLU A 94 -15.43 6.40 11.06
N ALA A 95 -14.66 6.06 10.02
CA ALA A 95 -13.90 7.05 9.25
C ALA A 95 -14.61 7.46 7.96
N HIS A 96 -15.35 6.51 7.35
CA HIS A 96 -15.98 6.71 6.04
C HIS A 96 -17.26 5.91 6.05
N PRO A 97 -18.26 6.25 5.22
CA PRO A 97 -19.47 5.44 5.14
C PRO A 97 -19.33 4.30 4.12
N ASP A 98 -18.10 3.85 3.85
CA ASP A 98 -17.87 2.76 2.91
C ASP A 98 -16.48 2.20 3.21
N TYR A 99 -16.07 1.19 2.44
CA TYR A 99 -14.83 0.46 2.71
C TYR A 99 -13.61 1.37 2.70
N ILE A 100 -12.65 1.06 3.57
CA ILE A 100 -11.34 1.72 3.58
C ILE A 100 -10.34 0.87 2.78
N ARG A 101 -9.71 1.46 1.77
CA ARG A 101 -8.77 0.73 0.93
C ARG A 101 -7.30 0.88 1.29
N SER A 102 -6.91 2.02 1.88
CA SER A 102 -5.51 2.38 1.99
C SER A 102 -5.35 3.38 3.11
N ILE A 103 -4.27 3.23 3.89
CA ILE A 103 -3.91 4.17 4.95
C ILE A 103 -2.46 4.56 4.76
N ALA A 104 -2.17 5.86 4.85
CA ALA A 104 -0.81 6.36 4.77
C ALA A 104 -0.56 7.20 6.00
N VAL A 105 0.67 7.12 6.51
CA VAL A 105 1.02 7.86 7.71
C VAL A 105 2.13 8.86 7.42
N HIS A 106 1.93 10.10 7.84
CA HIS A 106 2.95 11.12 7.58
C HIS A 106 4.24 10.75 8.33
N PRO A 107 5.43 10.95 7.73
CA PRO A 107 6.66 10.45 8.36
C PRO A 107 7.14 11.26 9.53
N THR A 108 6.68 12.50 9.72
CA THR A 108 7.20 13.30 10.85
C THR A 108 6.14 14.01 11.66
N LYS A 109 4.93 14.08 11.11
CA LYS A 109 3.80 14.80 11.73
C LYS A 109 2.70 13.78 12.10
N PRO A 110 1.81 14.14 13.05
CA PRO A 110 0.79 13.21 13.55
C PRO A 110 -0.45 13.15 12.67
N TYR A 111 -0.18 12.91 11.39
CA TYR A 111 -1.23 12.87 10.39
C TYR A 111 -1.37 11.49 9.76
N VAL A 112 -2.62 11.06 9.60
CA VAL A 112 -2.98 9.85 8.85
C VAL A 112 -3.94 10.18 7.70
N LEU A 113 -3.69 9.60 6.52
CA LEU A 113 -4.64 9.67 5.41
C LEU A 113 -5.33 8.31 5.23
N SER A 114 -6.62 8.35 4.95
CA SER A 114 -7.35 7.13 4.61
C SER A 114 -8.03 7.36 3.26
N GLY A 115 -7.96 6.36 2.38
CA GLY A 115 -8.67 6.45 1.10
C GLY A 115 -9.76 5.39 1.05
N SER A 116 -10.89 5.75 0.44
CA SER A 116 -12.12 4.98 0.60
C SER A 116 -12.94 4.81 -0.66
N ASP A 117 -13.76 3.77 -0.65
CA ASP A 117 -14.78 3.58 -1.68
C ASP A 117 -15.82 4.72 -1.73
N ASP A 118 -15.83 5.58 -0.71
CA ASP A 118 -16.71 6.74 -0.66
C ASP A 118 -16.21 7.89 -1.51
N LEU A 119 -15.20 7.62 -2.34
CA LEU A 119 -14.66 8.55 -3.35
C LEU A 119 -13.77 9.64 -2.75
N THR A 120 -13.40 9.51 -1.47
CA THR A 120 -12.62 10.57 -0.81
C THR A 120 -11.31 10.07 -0.22
N VAL A 121 -10.44 11.03 0.07
CA VAL A 121 -9.35 10.85 1.02
C VAL A 121 -9.64 11.74 2.22
N LYS A 122 -9.37 11.23 3.42
CA LYS A 122 -9.52 12.05 4.64
C LYS A 122 -8.23 12.11 5.44
N LEU A 123 -8.00 13.28 6.06
CA LEU A 123 -6.79 13.55 6.85
C LEU A 123 -7.20 13.65 8.32
N TRP A 124 -6.58 12.84 9.17
CA TRP A 124 -6.88 12.80 10.62
C TRP A 124 -5.64 13.19 11.42
N ASN A 125 -5.85 13.88 12.54
CA ASN A 125 -4.74 14.38 13.35
C ASN A 125 -4.79 13.75 14.75
N TRP A 126 -3.86 12.86 15.05
CA TRP A 126 -3.97 12.14 16.31
C TRP A 126 -3.55 12.99 17.50
N GLU A 127 -3.00 14.17 17.26
CA GLU A 127 -2.75 15.10 18.37
C GLU A 127 -3.87 16.15 18.49
N ASN A 128 -4.96 15.94 17.77
CA ASN A 128 -6.15 16.81 17.87
C ASN A 128 -7.38 15.93 18.02
N ASN A 129 -7.26 14.92 18.87
CA ASN A 129 -8.33 13.99 19.17
C ASN A 129 -8.86 13.29 17.94
N TRP A 130 -7.96 13.02 17.00
CA TRP A 130 -8.31 12.37 15.72
C TRP A 130 -9.33 13.18 14.94
N ALA A 131 -9.22 14.50 15.04
CA ALA A 131 -10.09 15.41 14.31
C ALA A 131 -9.96 15.12 12.82
N LEU A 132 -11.07 15.24 12.11
CA LEU A 132 -11.03 15.26 10.66
C LEU A 132 -10.59 16.65 10.27
N GLU A 133 -9.38 16.78 9.73
CA GLU A 133 -8.83 18.08 9.43
C GLU A 133 -9.19 18.52 8.02
N GLN A 134 -9.41 17.56 7.12
CA GLN A 134 -9.72 17.89 5.73
C GLN A 134 -10.28 16.67 5.02
N THR A 135 -11.17 16.92 4.06
CA THR A 135 -11.65 15.88 3.16
C THR A 135 -11.25 16.32 1.74
N PHE A 136 -10.63 15.41 1.00
CA PHE A 136 -10.19 15.69 -0.36
C PHE A 136 -11.16 15.05 -1.31
N GLU A 137 -11.96 15.88 -2.00
CA GLU A 137 -13.04 15.41 -2.84
C GLU A 137 -12.71 15.70 -4.29
N GLY A 138 -13.25 14.87 -5.18
CA GLY A 138 -13.12 15.07 -6.62
C GLY A 138 -12.92 13.81 -7.41
N HIS A 139 -12.44 12.74 -6.81
CA HIS A 139 -12.41 11.48 -7.54
C HIS A 139 -13.82 10.97 -7.84
N GLU A 140 -13.92 10.14 -8.88
CA GLU A 140 -15.20 9.61 -9.36
C GLU A 140 -15.40 8.12 -9.13
N HIS A 141 -14.48 7.45 -8.44
CA HIS A 141 -14.62 6.02 -8.17
C HIS A 141 -13.79 5.72 -6.92
N PHE A 142 -13.70 4.45 -6.55
CA PHE A 142 -13.01 4.07 -5.31
C PHE A 142 -11.57 4.57 -5.30
N VAL A 143 -11.18 5.17 -4.17
CA VAL A 143 -9.78 5.58 -3.97
C VAL A 143 -9.04 4.37 -3.44
N MET A 144 -8.19 3.77 -4.29
CA MET A 144 -7.54 2.50 -4.02
C MET A 144 -6.23 2.59 -3.24
N CYS A 145 -5.54 3.72 -3.30
CA CYS A 145 -4.19 3.82 -2.76
C CYS A 145 -3.88 5.26 -2.47
N VAL A 146 -3.28 5.52 -1.31
CA VAL A 146 -2.81 6.86 -0.97
C VAL A 146 -1.37 6.74 -0.53
N ALA A 147 -0.55 7.70 -0.95
CA ALA A 147 0.87 7.72 -0.58
C ALA A 147 1.37 9.11 -0.46
N PHE A 148 2.04 9.43 0.65
CA PHE A 148 2.79 10.68 0.77
C PHE A 148 4.00 10.71 -0.15
N ASN A 149 4.31 11.88 -0.68
CA ASN A 149 5.58 12.09 -1.36
C ASN A 149 6.70 12.09 -0.32
N PRO A 150 7.59 11.09 -0.38
CA PRO A 150 8.61 10.97 0.69
C PRO A 150 9.62 12.10 0.63
N LYS A 151 9.70 12.83 -0.48
CA LYS A 151 10.63 13.96 -0.57
C LYS A 151 9.96 15.27 -0.15
N ASP A 152 8.64 15.28 -0.06
CA ASP A 152 7.90 16.43 0.46
C ASP A 152 6.53 15.96 0.90
N PRO A 153 6.44 15.48 2.15
CA PRO A 153 5.18 14.89 2.60
C PRO A 153 4.10 15.91 2.97
N SER A 154 4.30 17.18 2.59
CA SER A 154 3.17 18.09 2.59
C SER A 154 2.24 17.82 1.39
N THR A 155 2.70 16.98 0.45
CA THR A 155 1.87 16.53 -0.66
C THR A 155 1.75 15.03 -0.65
N PHE A 156 0.72 14.54 -1.32
CA PHE A 156 0.49 13.10 -1.41
C PHE A 156 -0.32 12.80 -2.66
N ALA A 157 -0.31 11.53 -3.05
CA ALA A 157 -1.00 11.09 -4.25
C ALA A 157 -2.07 10.11 -3.87
N SER A 158 -3.17 10.17 -4.62
CA SER A 158 -4.23 9.17 -4.58
C SER A 158 -4.42 8.51 -5.93
N GLY A 159 -4.47 7.18 -5.96
CA GLY A 159 -4.71 6.41 -7.17
C GLY A 159 -6.11 5.86 -7.10
N CYS A 160 -6.85 5.99 -8.20
CA CYS A 160 -8.28 5.74 -8.14
C CYS A 160 -8.77 4.91 -9.33
N LEU A 161 -9.86 4.15 -9.14
CA LEU A 161 -10.46 3.42 -10.27
C LEU A 161 -11.03 4.31 -11.37
N ASP A 162 -11.15 5.61 -11.08
CA ASP A 162 -11.57 6.61 -12.08
C ASP A 162 -10.55 6.85 -13.16
N ARG A 163 -9.39 6.19 -13.03
CA ARG A 163 -8.31 6.18 -14.06
C ARG A 163 -7.34 7.36 -13.87
N THR A 164 -7.45 8.07 -12.74
CA THR A 164 -6.55 9.19 -12.46
C THR A 164 -5.68 8.95 -11.23
N VAL A 165 -4.57 9.66 -11.18
CA VAL A 165 -3.90 9.97 -9.94
C VAL A 165 -4.11 11.44 -9.66
N LYS A 166 -4.48 11.81 -8.44
CA LYS A 166 -4.54 13.20 -8.02
C LYS A 166 -3.43 13.43 -7.00
N VAL A 167 -2.72 14.55 -7.14
CA VAL A 167 -1.68 14.94 -6.21
C VAL A 167 -2.20 16.16 -5.47
N TRP A 168 -2.16 16.08 -4.14
CA TRP A 168 -2.81 17.07 -3.31
C TRP A 168 -1.81 17.69 -2.37
N SER A 169 -2.16 18.85 -1.85
CA SER A 169 -1.37 19.47 -0.78
C SER A 169 -2.25 19.66 0.44
N LEU A 170 -1.68 19.40 1.63
CA LEU A 170 -2.42 19.65 2.87
C LEU A 170 -2.77 21.14 2.95
N GLY A 171 -4.05 21.44 3.23
CA GLY A 171 -4.54 22.80 3.34
C GLY A 171 -5.01 23.45 2.04
N GLN A 172 -5.00 22.67 0.96
CA GLN A 172 -5.39 23.17 -0.36
C GLN A 172 -6.62 22.40 -0.83
N SER A 173 -7.56 23.11 -1.42
CA SER A 173 -8.88 22.56 -1.66
C SER A 173 -8.94 21.49 -2.75
N THR A 174 -8.34 21.77 -3.89
CA THR A 174 -8.39 20.85 -5.00
C THR A 174 -6.96 20.38 -5.29
N PRO A 175 -6.79 19.41 -6.19
CA PRO A 175 -5.44 18.88 -6.41
C PRO A 175 -4.47 19.93 -6.91
N ASN A 176 -3.20 19.73 -6.57
CA ASN A 176 -2.15 20.40 -7.31
C ASN A 176 -2.28 20.12 -8.83
N PHE A 177 -2.50 18.85 -9.16
CA PHE A 177 -2.75 18.44 -10.53
C PHE A 177 -3.38 17.08 -10.54
N THR A 178 -3.99 16.74 -11.68
CA THR A 178 -4.58 15.43 -11.90
C THR A 178 -3.86 14.80 -13.10
N LEU A 179 -3.40 13.57 -12.96
CA LEU A 179 -2.80 12.81 -14.04
C LEU A 179 -3.83 11.88 -14.65
N THR A 180 -4.12 12.02 -15.93
CA THR A 180 -4.96 11.07 -16.66
C THR A 180 -4.02 9.98 -17.18
N THR A 181 -4.21 8.75 -16.72
CA THR A 181 -3.20 7.71 -16.90
C THR A 181 -3.27 6.92 -18.19
N GLY A 182 -4.44 6.94 -18.84
CA GLY A 182 -4.69 6.03 -19.96
C GLY A 182 -4.81 4.57 -19.55
N GLN A 183 -4.86 4.30 -18.24
CA GLN A 183 -5.12 2.95 -17.77
C GLN A 183 -6.63 2.87 -17.54
N GLU A 184 -7.31 2.44 -18.59
CA GLU A 184 -8.77 2.68 -18.69
C GLU A 184 -9.60 1.77 -17.78
N ARG A 185 -8.98 0.76 -17.18
CA ARG A 185 -9.63 -0.06 -16.18
C ARG A 185 -9.37 0.39 -14.76
N GLY A 186 -8.76 1.57 -14.61
CA GLY A 186 -8.54 2.16 -13.30
C GLY A 186 -7.11 2.03 -12.78
N VAL A 187 -6.82 2.76 -11.72
CA VAL A 187 -5.52 2.71 -11.04
C VAL A 187 -5.71 2.02 -9.69
N ASN A 188 -4.98 0.91 -9.48
CA ASN A 188 -5.08 0.14 -8.23
C ASN A 188 -4.07 0.62 -7.18
N TYR A 189 -3.01 1.28 -7.65
CA TYR A 189 -1.86 1.57 -6.79
C TYR A 189 -1.08 2.69 -7.35
N VAL A 190 -0.43 3.47 -6.46
CA VAL A 190 0.47 4.53 -6.85
C VAL A 190 1.58 4.54 -5.83
N ASP A 191 2.81 4.79 -6.29
CA ASP A 191 3.99 4.88 -5.40
C ASP A 191 4.93 5.94 -5.99
N TYR A 192 5.70 6.57 -5.12
CA TYR A 192 6.72 7.53 -5.53
C TYR A 192 8.13 6.91 -5.54
N TYR A 193 8.93 7.28 -6.52
CA TYR A 193 10.36 6.99 -6.47
C TYR A 193 10.93 7.77 -5.29
N PRO A 194 11.75 7.12 -4.48
CA PRO A 194 12.11 7.74 -3.20
C PRO A 194 13.29 8.68 -3.24
N LEU A 195 14.14 8.62 -4.26
CA LEU A 195 15.41 9.35 -4.15
C LEU A 195 15.35 10.66 -4.96
N PRO A 196 16.19 11.63 -4.62
CA PRO A 196 16.10 12.92 -5.35
C PRO A 196 16.42 12.98 -6.83
N ASP A 197 17.05 11.97 -7.40
CA ASP A 197 17.48 12.07 -8.79
C ASP A 197 16.36 12.08 -9.87
N LYS A 198 15.16 11.58 -9.53
CA LYS A 198 14.06 11.48 -10.49
C LYS A 198 12.73 11.91 -9.84
N PRO A 199 11.96 12.80 -10.49
CA PRO A 199 10.65 13.10 -9.91
C PRO A 199 9.62 12.14 -10.53
N TYR A 200 9.73 10.88 -10.14
CA TYR A 200 8.92 9.83 -10.76
C TYR A 200 7.90 9.25 -9.81
N MET A 201 6.81 8.77 -10.41
CA MET A 201 5.79 7.99 -9.70
C MET A 201 5.44 6.76 -10.55
N ILE A 202 4.67 5.85 -9.99
CA ILE A 202 4.39 4.61 -10.72
C ILE A 202 2.97 4.16 -10.39
N THR A 203 2.27 3.68 -11.42
CA THR A 203 0.90 3.21 -11.25
C THR A 203 0.65 1.81 -11.80
N ALA A 204 -0.22 1.04 -11.13
CA ALA A 204 -0.58 -0.32 -11.55
C ALA A 204 -2.06 -0.42 -11.86
N SER A 205 -2.44 -1.23 -12.84
CA SER A 205 -3.85 -1.33 -13.26
C SER A 205 -4.31 -2.74 -13.58
N ASP A 206 -5.64 -2.90 -13.54
CA ASP A 206 -6.27 -4.12 -14.04
C ASP A 206 -6.11 -4.27 -15.56
N ASP A 207 -5.70 -3.19 -16.23
CA ASP A 207 -5.47 -3.29 -17.68
C ASP A 207 -4.15 -4.00 -18.01
N LEU A 208 -3.46 -4.50 -16.96
CA LEU A 208 -2.25 -5.35 -17.06
C LEU A 208 -0.97 -4.56 -17.23
N THR A 209 -1.08 -3.24 -17.18
CA THR A 209 0.11 -2.39 -17.32
C THR A 209 0.55 -1.77 -16.00
N ILE A 210 1.82 -1.45 -15.97
CA ILE A 210 2.43 -0.63 -14.93
C ILE A 210 2.99 0.57 -15.69
N LYS A 211 2.76 1.80 -15.22
CA LYS A 211 3.28 2.97 -15.94
C LYS A 211 4.13 3.81 -15.03
N ILE A 212 5.26 4.28 -15.57
CA ILE A 212 6.15 5.19 -14.83
C ILE A 212 5.89 6.60 -15.32
N TRP A 213 5.78 7.56 -14.39
CA TRP A 213 5.38 8.93 -14.70
C TRP A 213 6.42 9.90 -14.19
N ASP A 214 6.72 10.94 -14.96
CA ASP A 214 7.52 12.05 -14.47
C ASP A 214 6.48 13.07 -14.02
N TYR A 215 6.42 13.33 -12.72
CA TYR A 215 5.40 14.23 -12.19
C TYR A 215 5.66 15.72 -12.42
N GLN A 216 6.86 16.03 -12.91
CA GLN A 216 7.14 17.40 -13.36
C GLN A 216 6.69 17.66 -14.78
N THR A 217 7.07 16.79 -15.72
CA THR A 217 6.62 16.93 -17.11
C THR A 217 5.19 16.41 -17.36
N LYS A 218 4.69 15.58 -16.45
CA LYS A 218 3.38 14.87 -16.57
C LYS A 218 3.37 13.78 -17.65
N SER A 219 4.53 13.44 -18.17
CA SER A 219 4.59 12.41 -19.22
C SER A 219 4.80 11.01 -18.68
N CYS A 220 4.36 10.03 -19.46
CA CYS A 220 4.65 8.63 -19.20
C CYS A 220 6.05 8.30 -19.72
N VAL A 221 6.93 7.94 -18.79
CA VAL A 221 8.31 7.57 -19.07
C VAL A 221 8.42 6.18 -19.67
N ALA A 222 7.64 5.23 -19.19
CA ALA A 222 7.75 3.84 -19.63
C ALA A 222 6.50 3.08 -19.26
N THR A 223 6.22 2.02 -20.01
CA THR A 223 5.15 1.08 -19.69
C THR A 223 5.73 -0.32 -19.54
N LEU A 224 5.48 -0.93 -18.39
CA LEU A 224 6.01 -2.26 -18.08
C LEU A 224 4.89 -3.30 -18.25
N GLU A 225 5.04 -4.17 -19.24
CA GLU A 225 4.01 -5.17 -19.55
C GLU A 225 4.58 -6.57 -19.45
N GLY A 226 3.70 -7.51 -19.14
CA GLY A 226 4.11 -8.90 -18.96
C GLY A 226 3.23 -9.67 -18.00
N HIS A 227 2.64 -8.98 -17.02
CA HIS A 227 1.70 -9.65 -16.15
C HIS A 227 0.49 -10.13 -16.98
N MET A 228 -0.11 -11.23 -16.57
CA MET A 228 -1.22 -11.81 -17.34
C MET A 228 -2.59 -11.64 -16.67
N SER A 229 -2.60 -10.99 -15.50
CA SER A 229 -3.87 -10.64 -14.89
C SER A 229 -3.69 -9.37 -14.11
N ASN A 230 -4.75 -8.90 -13.45
CA ASN A 230 -4.73 -7.61 -12.76
C ASN A 230 -3.44 -7.37 -11.97
N VAL A 231 -2.83 -6.21 -12.17
CA VAL A 231 -1.65 -5.83 -11.40
C VAL A 231 -2.06 -5.13 -10.10
N SER A 232 -1.79 -5.79 -8.96
CA SER A 232 -2.27 -5.30 -7.68
C SER A 232 -1.47 -4.11 -7.20
N PHE A 233 -0.17 -4.12 -7.48
CA PHE A 233 0.72 -3.05 -6.98
C PHE A 233 1.97 -3.01 -7.82
N ALA A 234 2.67 -1.89 -7.71
CA ALA A 234 4.04 -1.75 -8.21
C ALA A 234 4.71 -0.67 -7.41
N VAL A 235 5.93 -0.94 -6.97
CA VAL A 235 6.65 0.00 -6.14
C VAL A 235 8.11 0.06 -6.55
N PHE A 236 8.72 1.21 -6.27
CA PHE A 236 10.16 1.34 -6.43
C PHE A 236 10.82 0.83 -5.16
N HIS A 237 11.86 0.03 -5.29
CA HIS A 237 12.59 -0.37 -4.10
C HIS A 237 13.34 0.83 -3.54
N PRO A 238 13.44 0.94 -2.19
CA PRO A 238 14.12 2.13 -1.65
C PRO A 238 15.64 2.17 -1.83
N THR A 239 16.32 1.03 -1.94
CA THR A 239 17.80 1.04 -1.93
C THR A 239 18.43 0.34 -3.15
N LEU A 240 17.63 -0.43 -3.88
CA LEU A 240 18.09 -1.16 -5.07
C LEU A 240 17.39 -0.62 -6.32
N PRO A 241 18.08 -0.65 -7.46
CA PRO A 241 17.56 -0.06 -8.70
C PRO A 241 16.54 -0.98 -9.38
N ILE A 242 15.47 -1.26 -8.66
CA ILE A 242 14.49 -2.19 -9.13
C ILE A 242 13.10 -1.69 -8.79
N ILE A 243 12.14 -2.26 -9.51
CA ILE A 243 10.71 -2.10 -9.28
C ILE A 243 10.15 -3.48 -8.99
N ILE A 244 9.24 -3.58 -8.02
CA ILE A 244 8.62 -4.85 -7.69
C ILE A 244 7.11 -4.72 -7.89
N SER A 245 6.53 -5.64 -8.66
CA SER A 245 5.10 -5.70 -8.89
C SER A 245 4.55 -7.06 -8.49
N GLY A 246 3.22 -7.12 -8.33
CA GLY A 246 2.55 -8.34 -7.92
C GLY A 246 1.19 -8.36 -8.58
N SER A 247 0.71 -9.54 -8.89
CA SER A 247 -0.47 -9.68 -9.73
C SER A 247 -1.38 -10.83 -9.31
N GLU A 248 -2.63 -10.72 -9.74
CA GLU A 248 -3.57 -11.83 -9.61
C GLU A 248 -3.16 -13.02 -10.47
N ASP A 249 -2.12 -12.86 -11.29
CA ASP A 249 -1.58 -14.01 -12.02
C ASP A 249 -0.68 -14.89 -11.15
N GLY A 250 -0.53 -14.53 -9.88
CA GLY A 250 0.18 -15.36 -8.93
C GLY A 250 1.67 -15.08 -8.85
N THR A 251 2.14 -14.11 -9.65
CA THR A 251 3.56 -13.83 -9.69
C THR A 251 3.95 -12.51 -9.05
N LEU A 252 5.18 -12.47 -8.55
CA LEU A 252 5.88 -11.22 -8.30
C LEU A 252 6.83 -11.04 -9.48
N LYS A 253 6.95 -9.82 -9.97
CA LYS A 253 7.97 -9.51 -10.96
C LYS A 253 8.90 -8.43 -10.45
N ILE A 254 10.19 -8.62 -10.72
CA ILE A 254 11.20 -7.63 -10.40
C ILE A 254 11.68 -7.07 -11.72
N TRP A 255 11.61 -5.76 -11.84
CA TRP A 255 11.96 -5.04 -13.07
C TRP A 255 13.16 -4.15 -12.78
N ASN A 256 14.00 -3.97 -13.81
CA ASN A 256 15.16 -3.12 -13.75
C ASN A 256 14.68 -1.67 -13.86
N SER A 257 15.03 -0.85 -12.87
CA SER A 257 14.51 0.52 -12.85
C SER A 257 15.30 1.48 -13.72
N SER A 258 16.38 0.98 -14.33
CA SER A 258 17.12 1.80 -15.28
C SER A 258 16.72 1.47 -16.69
N THR A 259 16.39 0.21 -16.95
CA THR A 259 16.12 -0.26 -18.31
C THR A 259 14.63 -0.53 -18.53
N TYR A 260 13.88 -0.66 -17.44
CA TYR A 260 12.43 -0.95 -17.51
C TYR A 260 12.10 -2.31 -18.12
N LYS A 261 13.05 -3.24 -18.05
CA LYS A 261 12.81 -4.61 -18.49
C LYS A 261 12.73 -5.55 -17.32
N VAL A 262 11.96 -6.61 -17.47
CA VAL A 262 11.81 -7.59 -16.39
C VAL A 262 13.14 -8.31 -16.12
N GLU A 263 13.44 -8.53 -14.85
CA GLU A 263 14.63 -9.28 -14.47
C GLU A 263 14.28 -10.68 -13.93
N LYS A 264 13.23 -10.77 -13.12
CA LYS A 264 12.85 -12.02 -12.49
C LYS A 264 11.36 -12.12 -12.34
N THR A 265 10.82 -13.32 -12.58
CA THR A 265 9.44 -13.60 -12.27
C THR A 265 9.39 -14.70 -11.23
N LEU A 266 8.70 -14.46 -10.12
CA LEU A 266 8.67 -15.40 -9.00
C LEU A 266 7.25 -15.90 -8.78
N ASN A 267 7.03 -17.20 -8.85
CA ASN A 267 5.74 -17.68 -8.34
C ASN A 267 5.96 -18.40 -7.03
N VAL A 268 5.58 -17.76 -5.92
CA VAL A 268 5.91 -18.29 -4.61
C VAL A 268 4.88 -19.29 -4.14
N GLY A 269 3.91 -19.59 -5.01
CA GLY A 269 3.00 -20.70 -4.77
C GLY A 269 1.87 -20.42 -3.80
N LEU A 270 1.49 -19.16 -3.69
CA LEU A 270 0.46 -18.74 -2.74
C LEU A 270 -0.76 -18.14 -3.43
N GLU A 271 -0.93 -18.42 -4.73
CA GLU A 271 -2.04 -17.90 -5.55
C GLU A 271 -1.92 -16.38 -5.69
N ARG A 272 -3.03 -15.65 -5.71
CA ARG A 272 -3.03 -14.25 -6.14
C ARG A 272 -2.29 -13.34 -5.18
N SER A 273 -1.50 -12.42 -5.71
CA SER A 273 -0.80 -11.43 -4.89
C SER A 273 -1.60 -10.15 -4.73
N TRP A 274 -1.64 -9.63 -3.51
CA TRP A 274 -2.48 -8.46 -3.18
C TRP A 274 -1.78 -7.22 -2.67
N CYS A 275 -0.68 -7.39 -1.97
CA CYS A 275 -0.09 -6.27 -1.26
C CYS A 275 1.40 -6.42 -1.12
N ILE A 276 2.06 -5.31 -0.84
CA ILE A 276 3.52 -5.26 -0.83
C ILE A 276 4.04 -4.30 0.25
N ALA A 277 5.23 -4.58 0.74
CA ALA A 277 5.98 -3.69 1.62
C ALA A 277 7.45 -3.88 1.33
N THR A 278 8.23 -2.83 1.58
CA THR A 278 9.69 -2.90 1.47
C THR A 278 10.29 -2.37 2.75
N HIS A 279 11.39 -2.94 3.19
CA HIS A 279 11.92 -2.52 4.47
C HIS A 279 12.53 -1.12 4.39
N ASN A 285 17.79 -5.90 2.33
CA ASN A 285 16.90 -5.37 1.29
C ASN A 285 15.59 -6.16 1.26
N TYR A 286 15.02 -6.39 2.44
CA TYR A 286 13.79 -7.19 2.58
C TYR A 286 12.61 -6.60 1.81
N ILE A 287 11.82 -7.49 1.22
CA ILE A 287 10.50 -7.17 0.69
C ILE A 287 9.52 -8.18 1.25
N ALA A 288 8.23 -7.84 1.29
CA ALA A 288 7.23 -8.77 1.77
C ALA A 288 5.97 -8.58 0.95
N SER A 289 5.28 -9.68 0.67
CA SER A 289 4.04 -9.59 -0.10
C SER A 289 3.00 -10.55 0.48
N GLY A 290 1.74 -10.09 0.47
CA GLY A 290 0.59 -10.84 0.90
C GLY A 290 -0.20 -11.41 -0.25
N PHE A 291 -0.70 -12.62 -0.05
CA PHE A 291 -1.37 -13.40 -1.10
C PHE A 291 -2.66 -14.05 -0.60
N ASP A 292 -3.40 -14.68 -1.51
CA ASP A 292 -4.55 -15.51 -1.13
C ASP A 292 -4.21 -16.49 -0.02
N ASN A 293 -3.03 -17.10 -0.07
CA ASN A 293 -2.73 -18.20 0.86
C ASN A 293 -1.70 -17.91 1.97
N GLY A 294 -1.37 -16.64 2.19
CA GLY A 294 -0.44 -16.26 3.23
C GLY A 294 0.49 -15.16 2.77
N PHE A 295 1.67 -15.07 3.38
CA PHE A 295 2.64 -14.07 2.97
C PHE A 295 4.04 -14.64 2.88
N THR A 296 4.91 -13.94 2.18
CA THR A 296 6.33 -14.28 2.17
C THR A 296 7.18 -13.04 2.40
N VAL A 297 8.30 -13.22 3.11
CA VAL A 297 9.33 -12.22 3.29
C VAL A 297 10.57 -12.73 2.56
N LEU A 298 11.13 -11.92 1.68
CA LEU A 298 12.28 -12.30 0.88
C LEU A 298 13.40 -11.32 1.11
N SER A 299 14.62 -11.83 1.04
CA SER A 299 15.83 -11.02 1.13
C SER A 299 16.41 -10.89 -0.27
N LEU A 300 16.88 -9.69 -0.63
CA LEU A 300 17.43 -9.49 -1.96
C LEU A 300 18.94 -9.25 -1.91
N GLY A 301 19.43 -8.71 -0.80
CA GLY A 301 20.86 -8.51 -0.64
C GLY A 301 21.27 -8.04 0.75
N GLU B 2 -19.21 -6.60 -9.26
CA GLU B 2 -19.17 -6.52 -7.80
C GLU B 2 -17.90 -7.14 -7.26
N ALA B 3 -17.37 -8.14 -7.97
CA ALA B 3 -16.11 -8.81 -7.60
C ALA B 3 -14.94 -7.86 -7.39
N LYS B 4 -14.86 -6.79 -8.17
CA LYS B 4 -13.79 -5.83 -7.99
C LYS B 4 -13.85 -5.18 -6.59
N LYS B 5 -15.04 -4.89 -6.11
CA LYS B 5 -15.20 -4.27 -4.80
C LYS B 5 -14.82 -5.23 -3.68
N LEU B 6 -15.11 -6.51 -3.86
CA LEU B 6 -15.09 -7.44 -2.76
C LEU B 6 -13.80 -8.23 -2.59
N VAL B 7 -13.10 -8.55 -3.67
CA VAL B 7 -12.02 -9.53 -3.59
C VAL B 7 -10.86 -8.98 -2.77
#